data_4A27
#
_entry.id   4A27
#
_cell.length_a   69.509
_cell.length_b   62.104
_cell.length_c   83.795
_cell.angle_alpha   90.00
_cell.angle_beta   106.98
_cell.angle_gamma   90.00
#
_symmetry.space_group_name_H-M   'P 1 21 1'
#
loop_
_entity.id
_entity.type
_entity.pdbx_description
1 polymer 'SYNAPTIC VESICLE MEMBRANE PROTEIN VAT-1 HOMOLOG-LIKE'
2 non-polymer 1,2-ETHANEDIOL
3 water water
#
_entity_poly.entity_id   1
_entity_poly.type   'polypeptide(L)'
_entity_poly.pdbx_seq_one_letter_code
;SMEMRAVVLAGFGGLNKLRLFRKAMPEPQDGELKIRVKACGLNFIDLMVRQGNIDNPPKTPLVPGFECSGIVEALGDSVK
GYEIGDRVMAFVNYNAWAEVVCTPVEFVYKIPDDMSFSEAAAFPMNFVTAYVMLFEVANLREGMSVLVHSAGGGVGQAVA
QLCSTVPNVTVFGTASTFKHEAIKDSVTHLFDRNADYVQEVKRISAEGVDIVLDCLCGDNTGKGLSLLKPLGTYILYGSS
NMVTGETKSFFSFAKSWWQVEKVNPIKLYEENKVIAGFSLLNLLFKQGRAGLIRGVVEKLIGLYNQKKIKPVVDSLWALE
EVKEAMQRIHDRGNIGKLILDVEKTPTPL
;
_entity_poly.pdbx_strand_id   A,B
#
loop_
_chem_comp.id
_chem_comp.type
_chem_comp.name
_chem_comp.formula
EDO non-polymer 1,2-ETHANEDIOL 'C2 H6 O2'
#
# COMPACT_ATOMS: atom_id res chain seq x y z
N SER A 1 46.26 10.36 10.12
CA SER A 1 47.59 10.73 9.58
C SER A 1 47.55 12.19 9.12
N MET A 2 48.04 12.44 7.92
CA MET A 2 47.89 13.71 7.23
C MET A 2 46.40 14.05 7.06
N GLU A 3 46.14 15.19 6.44
CA GLU A 3 44.78 15.55 6.10
C GLU A 3 44.37 14.91 4.78
N MET A 4 43.08 14.61 4.66
CA MET A 4 42.54 13.89 3.49
C MET A 4 41.97 14.93 2.53
N ARG A 5 41.80 14.56 1.26
CA ARG A 5 41.10 15.42 0.28
C ARG A 5 39.62 15.15 0.31
N ALA A 6 38.82 16.19 0.11
CA ALA A 6 37.41 16.09 0.13
C ALA A 6 36.80 17.17 -0.76
N VAL A 7 35.55 16.95 -1.18
CA VAL A 7 34.78 17.98 -1.86
C VAL A 7 34.06 18.73 -0.75
N VAL A 8 34.16 20.06 -0.78
CA VAL A 8 33.47 20.91 0.16
C VAL A 8 32.46 21.78 -0.60
N LEU A 9 31.27 21.92 -0.01
CA LEU A 9 30.29 22.89 -0.46
C LEU A 9 30.52 24.16 0.39
N ALA A 10 31.05 25.21 -0.25
CA ALA A 10 31.45 26.44 0.47
C ALA A 10 30.23 27.16 1.04
N GLY A 11 29.22 27.35 0.21
CA GLY A 11 27.88 27.73 0.65
C GLY A 11 26.85 27.26 -0.36
N PHE A 12 25.57 27.44 -0.07
CA PHE A 12 24.51 27.08 -1.03
C PHE A 12 24.52 28.04 -2.22
N GLY A 13 24.13 27.53 -3.38
CA GLY A 13 24.21 28.27 -4.64
C GLY A 13 24.35 27.31 -5.81
N GLY A 14 24.94 27.78 -6.90
CA GLY A 14 25.14 26.96 -8.10
C GLY A 14 26.44 26.16 -8.06
N LEU A 15 26.78 25.59 -9.22
CA LEU A 15 27.93 24.66 -9.33
C LEU A 15 29.22 25.22 -8.72
N ASN A 16 29.41 26.53 -8.85
CA ASN A 16 30.66 27.19 -8.48
C ASN A 16 30.95 27.28 -6.98
N LYS A 17 30.02 26.80 -6.18
CA LYS A 17 30.22 26.71 -4.73
C LYS A 17 30.94 25.41 -4.30
N LEU A 18 31.14 24.48 -5.24
CA LEU A 18 31.85 23.22 -4.97
C LEU A 18 33.36 23.33 -5.29
N ARG A 19 34.19 22.90 -4.34
CA ARG A 19 35.65 23.00 -4.48
C ARG A 19 36.34 21.81 -3.81
N LEU A 20 37.60 21.54 -4.18
CA LEU A 20 38.37 20.52 -3.48
C LEU A 20 39.19 21.16 -2.36
N PHE A 21 39.34 20.43 -1.26
CA PHE A 21 40.10 20.91 -0.10
C PHE A 21 40.56 19.83 0.83
N ARG A 22 41.38 20.20 1.79
CA ARG A 22 41.96 19.23 2.69
C ARG A 22 41.22 19.26 3.98
N LYS A 23 41.14 18.12 4.65
CA LYS A 23 40.34 17.99 5.84
C LYS A 23 40.97 17.03 6.85
N ALA A 24 40.72 17.25 8.14
CA ALA A 24 41.08 16.30 9.17
C ALA A 24 40.47 14.92 8.87
N MET A 25 41.29 13.88 8.89
CA MET A 25 40.77 12.54 8.73
C MET A 25 39.91 12.21 9.97
N PRO A 26 38.66 11.74 9.79
CA PRO A 26 37.90 11.35 10.97
C PRO A 26 38.38 10.00 11.54
N GLU A 27 38.09 9.75 12.80
CA GLU A 27 38.40 8.45 13.41
C GLU A 27 37.09 7.84 13.92
N PRO A 28 37.00 6.51 13.94
CA PRO A 28 35.74 5.84 14.26
C PRO A 28 35.37 5.89 15.74
N GLN A 29 34.17 6.35 16.04
CA GLN A 29 33.65 6.32 17.39
C GLN A 29 33.14 4.92 17.71
N ASP A 30 32.67 4.71 18.93
CA ASP A 30 32.08 3.42 19.31
C ASP A 30 30.96 3.05 18.32
N GLY A 31 30.99 1.81 17.83
CA GLY A 31 29.98 1.33 16.89
C GLY A 31 30.08 1.86 15.46
N GLU A 32 31.17 2.55 15.12
CA GLU A 32 31.39 3.06 13.76
C GLU A 32 32.52 2.26 13.15
N LEU A 33 32.65 2.31 11.83
CA LEU A 33 33.92 1.94 11.23
C LEU A 33 34.42 3.02 10.28
N LYS A 34 35.70 2.93 9.95
CA LYS A 34 36.40 3.87 9.12
C LYS A 34 36.63 3.21 7.76
N ILE A 35 36.25 3.92 6.71
CA ILE A 35 36.29 3.39 5.33
C ILE A 35 37.18 4.25 4.47
N ARG A 36 38.10 3.59 3.78
CA ARG A 36 38.98 4.22 2.79
C ARG A 36 38.17 4.17 1.49
N VAL A 37 37.75 5.34 1.01
CA VAL A 37 36.72 5.42 -0.01
C VAL A 37 37.33 5.20 -1.37
N LYS A 38 36.69 4.36 -2.16
CA LYS A 38 37.11 4.14 -3.55
C LYS A 38 36.16 4.80 -4.54
N ALA A 39 34.86 4.80 -4.22
CA ALA A 39 33.89 5.44 -5.09
C ALA A 39 32.71 5.93 -4.31
N CYS A 40 32.03 6.91 -4.89
CA CYS A 40 30.87 7.54 -4.34
C CYS A 40 29.77 7.65 -5.40
N GLY A 41 28.55 7.48 -4.93
CA GLY A 41 27.36 7.64 -5.75
C GLY A 41 26.96 9.10 -5.90
N LEU A 42 26.58 9.48 -7.09
CA LEU A 42 25.95 10.80 -7.33
C LEU A 42 24.44 10.60 -7.37
N ASN A 43 23.72 11.34 -6.52
CA ASN A 43 22.29 11.25 -6.49
C ASN A 43 21.66 12.61 -6.70
N PHE A 44 20.42 12.60 -7.19
CA PHE A 44 19.71 13.83 -7.42
C PHE A 44 19.63 14.73 -6.17
N ILE A 45 19.42 14.12 -5.01
CA ILE A 45 19.41 14.86 -3.76
C ILE A 45 20.69 15.74 -3.56
N ASP A 46 21.85 15.25 -4.06
CA ASP A 46 23.09 16.03 -3.99
C ASP A 46 22.95 17.39 -4.70
N LEU A 47 22.21 17.42 -5.80
CA LEU A 47 21.94 18.68 -6.50
C LEU A 47 21.06 19.61 -5.66
N MET A 48 20.15 19.02 -4.91
CA MET A 48 19.28 19.77 -4.01
C MET A 48 20.03 20.32 -2.80
N VAL A 49 20.90 19.48 -2.21
CA VAL A 49 21.77 19.90 -1.11
C VAL A 49 22.63 21.07 -1.59
N ARG A 50 23.12 21.00 -2.81
CA ARG A 50 23.94 22.07 -3.39
C ARG A 50 23.23 23.43 -3.50
N GLN A 51 21.94 23.41 -3.83
CA GLN A 51 21.15 24.66 -3.85
C GLN A 51 20.58 25.04 -2.49
N GLY A 52 20.65 24.14 -1.50
CA GLY A 52 20.04 24.39 -0.19
C GLY A 52 18.55 24.06 -0.13
N ASN A 53 18.04 23.32 -1.11
CA ASN A 53 16.67 22.79 -1.09
C ASN A 53 16.53 21.54 -0.23
N ILE A 54 16.64 21.70 1.07
CA ILE A 54 16.48 20.57 1.98
C ILE A 54 16.04 21.18 3.29
N ASP A 55 14.81 20.87 3.74
CA ASP A 55 14.19 21.52 4.91
C ASP A 55 14.14 20.59 6.15
N ASN A 56 15.01 20.75 7.16
CA ASN A 56 15.92 21.91 7.35
C ASN A 56 17.38 21.64 6.99
N PRO A 57 18.05 22.61 6.31
CA PRO A 57 19.39 22.45 5.74
C PRO A 57 20.53 22.37 6.76
N PRO A 58 21.56 21.52 6.51
CA PRO A 58 22.70 21.51 7.43
C PRO A 58 23.58 22.71 7.20
N LYS A 59 24.48 22.98 8.14
CA LYS A 59 25.31 24.16 8.06
C LYS A 59 26.37 23.96 6.98
N THR A 60 26.70 25.03 6.27
CA THR A 60 27.85 25.04 5.38
C THR A 60 28.98 25.71 6.14
N PRO A 61 30.25 25.41 5.81
CA PRO A 61 30.71 24.45 4.78
C PRO A 61 30.41 23.01 5.17
N LEU A 62 30.30 22.14 4.18
CA LEU A 62 29.95 20.75 4.41
C LEU A 62 30.47 19.86 3.29
N VAL A 63 30.69 18.60 3.62
CA VAL A 63 31.13 17.62 2.63
C VAL A 63 29.83 16.90 2.20
N PRO A 64 29.44 17.02 0.92
CA PRO A 64 28.24 16.29 0.46
C PRO A 64 28.42 14.79 0.25
N GLY A 65 27.31 14.12 -0.06
CA GLY A 65 27.28 12.73 -0.51
C GLY A 65 26.79 11.78 0.54
N PHE A 66 26.01 10.78 0.11
CA PHE A 66 25.32 9.85 1.00
C PHE A 66 25.66 8.37 0.80
N GLU A 67 26.46 8.07 -0.21
CA GLU A 67 26.60 6.67 -0.70
C GLU A 67 28.02 6.52 -1.15
N CYS A 68 28.71 5.49 -0.68
CA CYS A 68 30.07 5.25 -1.07
C CYS A 68 30.39 3.78 -0.98
N SER A 69 31.56 3.42 -1.53
CA SER A 69 32.11 2.06 -1.33
C SER A 69 33.61 2.20 -1.10
N GLY A 70 34.18 1.22 -0.40
CA GLY A 70 35.61 1.21 -0.20
C GLY A 70 36.06 0.06 0.72
N ILE A 71 37.21 0.26 1.36
CA ILE A 71 37.87 -0.77 2.19
C ILE A 71 37.88 -0.34 3.66
N VAL A 72 37.43 -1.24 4.54
CA VAL A 72 37.49 -1.01 5.98
C VAL A 72 38.94 -0.89 6.39
N GLU A 73 39.27 0.29 6.89
CA GLU A 73 40.64 0.63 7.28
C GLU A 73 40.84 0.61 8.79
N ALA A 74 39.76 0.78 9.56
CA ALA A 74 39.84 0.68 11.04
C ALA A 74 38.46 0.47 11.69
N LEU A 75 38.45 -0.22 12.84
CA LEU A 75 37.23 -0.52 13.59
C LEU A 75 37.09 0.37 14.82
N GLY A 76 35.86 0.77 15.13
CA GLY A 76 35.56 1.48 16.36
C GLY A 76 35.33 0.49 17.47
N ASP A 77 35.26 0.98 18.69
CA ASP A 77 35.17 0.13 19.88
C ASP A 77 34.10 -0.98 19.85
N SER A 78 32.82 -0.64 19.76
CA SER A 78 31.77 -1.64 19.96
C SER A 78 31.66 -2.74 18.87
N VAL A 79 32.37 -2.60 17.76
CA VAL A 79 32.09 -3.32 16.50
C VAL A 79 32.56 -4.78 16.31
N LYS A 80 31.62 -5.66 15.99
CA LYS A 80 31.93 -7.04 15.61
C LYS A 80 31.38 -7.36 14.20
N GLY A 81 31.95 -8.38 13.59
CA GLY A 81 31.53 -8.86 12.27
C GLY A 81 32.32 -8.31 11.09
N TYR A 82 33.29 -7.43 11.36
CA TYR A 82 34.14 -6.87 10.31
C TYR A 82 35.59 -7.00 10.68
N GLU A 83 36.43 -7.04 9.65
CA GLU A 83 37.87 -7.05 9.81
C GLU A 83 38.41 -6.02 8.87
N ILE A 84 39.58 -5.51 9.18
CA ILE A 84 40.21 -4.55 8.33
C ILE A 84 40.48 -5.25 7.00
N GLY A 85 40.30 -4.52 5.89
CA GLY A 85 40.46 -5.09 4.55
C GLY A 85 39.15 -5.56 3.91
N ASP A 86 38.07 -5.64 4.70
CA ASP A 86 36.74 -6.00 4.17
C ASP A 86 36.27 -4.93 3.16
N ARG A 87 35.74 -5.37 2.05
CA ARG A 87 35.27 -4.48 1.00
C ARG A 87 33.82 -4.23 1.29
N VAL A 88 33.41 -2.95 1.30
CA VAL A 88 32.07 -2.59 1.74
C VAL A 88 31.42 -1.48 0.90
N MET A 89 30.11 -1.39 1.03
CA MET A 89 29.37 -0.22 0.56
C MET A 89 28.59 0.29 1.74
N ALA A 90 28.20 1.55 1.69
CA ALA A 90 27.71 2.16 2.91
C ALA A 90 26.92 3.41 2.63
N PHE A 91 25.94 3.66 3.49
CA PHE A 91 25.22 4.91 3.49
C PHE A 91 25.93 5.79 4.50
N VAL A 92 25.92 7.08 4.28
CA VAL A 92 26.53 7.95 5.25
C VAL A 92 25.77 9.25 5.19
N ASN A 93 25.54 9.84 6.37
CA ASN A 93 24.70 11.02 6.46
C ASN A 93 25.57 12.20 6.16
N TYR A 94 25.76 12.46 4.86
CA TYR A 94 26.72 13.47 4.37
C TYR A 94 28.10 12.92 4.54
N ASN A 95 29.08 13.65 4.02
CA ASN A 95 30.51 13.31 4.21
C ASN A 95 31.04 12.16 3.36
N ALA A 96 30.26 11.68 2.40
CA ALA A 96 30.73 10.60 1.55
C ALA A 96 31.77 11.04 0.51
N TRP A 97 31.75 12.29 0.05
CA TRP A 97 32.69 12.72 -0.99
C TRP A 97 34.09 13.11 -0.47
N ALA A 98 34.78 12.13 0.08
CA ALA A 98 36.09 12.32 0.70
C ALA A 98 36.85 11.00 0.60
N GLU A 99 38.16 11.08 0.78
CA GLU A 99 39.00 9.90 0.74
C GLU A 99 38.73 8.93 1.88
N VAL A 100 38.27 9.45 3.01
CA VAL A 100 37.95 8.62 4.18
C VAL A 100 36.65 9.07 4.84
N VAL A 101 35.91 8.07 5.31
CA VAL A 101 34.56 8.20 5.86
C VAL A 101 34.43 7.33 7.09
N CYS A 102 33.81 7.87 8.14
CA CYS A 102 33.39 7.07 9.27
C CYS A 102 31.86 7.05 9.29
N THR A 103 31.27 5.90 9.58
CA THR A 103 29.80 5.76 9.62
C THR A 103 29.39 4.60 10.55
N PRO A 104 28.23 4.74 11.23
CA PRO A 104 27.76 3.67 12.11
C PRO A 104 27.63 2.34 11.38
N VAL A 105 28.02 1.26 12.04
CA VAL A 105 28.10 -0.04 11.41
C VAL A 105 26.74 -0.54 10.85
N GLU A 106 25.61 -0.03 11.37
CA GLU A 106 24.33 -0.49 10.87
C GLU A 106 24.09 -0.05 9.42
N PHE A 107 24.86 0.93 8.93
CA PHE A 107 24.73 1.39 7.56
C PHE A 107 25.78 0.83 6.60
N VAL A 108 26.48 -0.22 7.00
CA VAL A 108 27.56 -0.76 6.21
C VAL A 108 27.25 -2.18 5.79
N TYR A 109 27.64 -2.54 4.57
CA TYR A 109 27.32 -3.84 4.04
C TYR A 109 28.49 -4.37 3.29
N LYS A 110 28.84 -5.60 3.59
CA LYS A 110 29.93 -6.28 2.94
C LYS A 110 29.53 -6.58 1.53
N ILE A 111 30.44 -6.37 0.60
CA ILE A 111 30.13 -6.68 -0.78
C ILE A 111 30.81 -7.97 -1.24
N PRO A 112 30.22 -8.63 -2.21
CA PRO A 112 30.87 -9.81 -2.79
C PRO A 112 32.15 -9.46 -3.54
N ASP A 113 33.06 -10.44 -3.62
CA ASP A 113 34.35 -10.29 -4.31
C ASP A 113 34.19 -9.97 -5.80
N ASP A 114 33.10 -10.45 -6.39
CA ASP A 114 32.80 -10.24 -7.80
C ASP A 114 32.40 -8.79 -8.11
N MET A 115 31.97 -8.05 -7.10
CA MET A 115 31.44 -6.72 -7.28
C MET A 115 32.54 -5.64 -7.19
N SER A 116 32.71 -4.84 -8.24
CA SER A 116 33.76 -3.84 -8.30
C SER A 116 33.32 -2.69 -7.41
N PHE A 117 34.25 -1.79 -7.07
CA PHE A 117 33.91 -0.65 -6.19
C PHE A 117 32.95 0.32 -6.86
N SER A 118 33.09 0.52 -8.18
CA SER A 118 32.21 1.42 -8.92
C SER A 118 30.77 0.85 -8.96
N GLU A 119 30.60 -0.43 -9.25
CA GLU A 119 29.27 -1.05 -9.12
C GLU A 119 28.64 -0.90 -7.75
N ALA A 120 29.47 -1.09 -6.70
CA ALA A 120 29.02 -1.10 -5.34
C ALA A 120 28.49 0.28 -4.90
N ALA A 121 29.13 1.35 -5.37
CA ALA A 121 28.70 2.72 -5.05
C ALA A 121 27.48 3.05 -5.83
N ALA A 122 27.20 2.26 -6.87
CA ALA A 122 26.00 2.41 -7.66
C ALA A 122 24.83 1.64 -7.14
N PHE A 123 25.07 0.79 -6.14
CA PHE A 123 24.12 -0.26 -5.74
C PHE A 123 23.04 0.21 -4.69
N PRO A 124 23.45 0.64 -3.48
CA PRO A 124 22.51 0.84 -2.35
C PRO A 124 21.37 1.82 -2.54
N MET A 125 21.63 3.08 -2.90
CA MET A 125 20.54 4.02 -3.02
C MET A 125 19.50 3.52 -4.03
N ASN A 126 19.94 3.25 -5.26
CA ASN A 126 19.00 2.94 -6.32
C ASN A 126 18.27 1.64 -6.08
N PHE A 127 18.99 0.59 -5.71
CA PHE A 127 18.36 -0.71 -5.61
C PHE A 127 17.52 -0.88 -4.34
N VAL A 128 17.94 -0.27 -3.22
CA VAL A 128 17.13 -0.35 -2.02
C VAL A 128 15.83 0.46 -2.27
N THR A 129 15.93 1.61 -2.92
CA THR A 129 14.74 2.40 -3.17
C THR A 129 13.73 1.59 -3.99
N ALA A 130 14.24 1.03 -5.07
CA ALA A 130 13.44 0.22 -5.97
C ALA A 130 12.78 -0.93 -5.24
N TYR A 131 13.55 -1.60 -4.41
CA TYR A 131 13.05 -2.79 -3.76
C TYR A 131 11.97 -2.41 -2.76
N VAL A 132 12.24 -1.36 -1.99
CA VAL A 132 11.34 -1.02 -0.93
C VAL A 132 10.02 -0.54 -1.52
N MET A 133 10.08 0.22 -2.60
CA MET A 133 8.84 0.69 -3.22
C MET A 133 7.98 -0.43 -3.75
N LEU A 134 8.62 -1.40 -4.42
CA LEU A 134 7.90 -2.43 -5.10
C LEU A 134 7.34 -3.48 -4.16
N PHE A 135 8.08 -3.81 -3.10
CA PHE A 135 7.71 -4.92 -2.27
C PHE A 135 7.33 -4.57 -0.84
N GLU A 136 7.69 -3.39 -0.34
CA GLU A 136 7.27 -2.97 0.99
C GLU A 136 6.17 -1.91 0.93
N VAL A 137 6.23 -0.93 0.03
CA VAL A 137 5.14 0.03 -0.10
C VAL A 137 4.02 -0.59 -0.95
N ALA A 138 4.29 -0.85 -2.22
CA ALA A 138 3.43 -1.63 -3.01
C ALA A 138 3.75 -3.06 -2.64
N ASN A 139 2.97 -4.00 -3.13
CA ASN A 139 3.24 -5.45 -2.94
C ASN A 139 3.16 -6.04 -4.35
N LEU A 140 4.20 -5.81 -5.16
CA LEU A 140 4.25 -6.35 -6.52
C LEU A 140 4.18 -7.85 -6.54
N ARG A 141 3.25 -8.37 -7.35
CA ARG A 141 3.02 -9.84 -7.51
C ARG A 141 2.81 -10.19 -8.98
N GLU A 142 2.80 -11.50 -9.27
CA GLU A 142 2.62 -12.06 -10.60
C GLU A 142 1.49 -11.44 -11.37
N GLY A 143 1.73 -11.12 -12.65
CA GLY A 143 0.68 -10.60 -13.54
C GLY A 143 0.40 -9.11 -13.44
N MET A 144 1.08 -8.39 -12.56
CA MET A 144 0.78 -6.98 -12.40
C MET A 144 1.49 -6.13 -13.43
N SER A 145 1.15 -4.84 -13.47
CA SER A 145 1.81 -3.97 -14.35
C SER A 145 2.27 -2.69 -13.62
N VAL A 146 3.38 -2.15 -14.09
CA VAL A 146 4.07 -1.05 -13.46
C VAL A 146 4.42 0.02 -14.48
N LEU A 147 4.18 1.27 -14.12
CA LEU A 147 4.67 2.37 -14.90
C LEU A 147 5.81 3.03 -14.18
N VAL A 148 6.95 3.09 -14.87
CA VAL A 148 8.16 3.70 -14.36
C VAL A 148 8.54 4.91 -15.18
N HIS A 149 8.47 6.08 -14.56
CA HIS A 149 8.93 7.32 -15.18
C HIS A 149 10.46 7.41 -15.15
N SER A 150 11.08 8.06 -16.14
CA SER A 150 12.55 8.18 -16.20
C SER A 150 13.17 6.77 -16.14
N ALA A 151 12.72 5.93 -17.06
CA ALA A 151 13.11 4.51 -17.12
C ALA A 151 14.62 4.29 -17.34
N GLY A 152 15.31 5.32 -17.82
CA GLY A 152 16.75 5.24 -18.07
C GLY A 152 17.62 5.59 -16.88
N GLY A 153 17.04 6.22 -15.85
CA GLY A 153 17.79 6.59 -14.66
C GLY A 153 18.20 5.36 -13.83
N GLY A 154 18.95 5.63 -12.79
CA GLY A 154 19.39 4.63 -11.84
C GLY A 154 18.26 3.87 -11.19
N VAL A 155 17.30 4.57 -10.60
CA VAL A 155 16.17 3.89 -9.94
C VAL A 155 15.31 3.20 -10.99
N GLY A 156 15.03 3.91 -12.08
CA GLY A 156 14.27 3.33 -13.17
C GLY A 156 14.80 2.00 -13.68
N GLN A 157 16.11 1.91 -13.88
CA GLN A 157 16.68 0.65 -14.33
C GLN A 157 16.67 -0.41 -13.22
N ALA A 158 16.88 0.00 -11.95
CA ALA A 158 16.78 -0.94 -10.84
C ALA A 158 15.36 -1.49 -10.75
N VAL A 159 14.36 -0.65 -10.93
CA VAL A 159 12.95 -1.08 -10.93
C VAL A 159 12.68 -2.14 -12.06
N ALA A 160 13.20 -1.89 -13.27
CA ALA A 160 12.95 -2.82 -14.41
C ALA A 160 13.56 -4.17 -14.13
N GLN A 161 14.76 -4.18 -13.56
CA GLN A 161 15.45 -5.45 -13.33
C GLN A 161 14.72 -6.24 -12.23
N LEU A 162 14.26 -5.55 -11.18
CA LEU A 162 13.57 -6.24 -10.10
C LEU A 162 12.20 -6.76 -10.53
N CYS A 163 11.48 -6.00 -11.35
CA CYS A 163 10.20 -6.51 -11.91
C CYS A 163 10.41 -7.85 -12.67
N SER A 164 11.56 -7.98 -13.35
CA SER A 164 11.83 -9.19 -14.12
C SER A 164 12.10 -10.40 -13.24
N THR A 165 12.29 -10.20 -11.94
CA THR A 165 12.42 -11.35 -11.00
C THR A 165 11.07 -11.92 -10.55
N VAL A 166 9.99 -11.21 -10.87
CA VAL A 166 8.63 -11.63 -10.55
C VAL A 166 7.92 -12.02 -11.87
N PRO A 167 7.29 -13.22 -11.93
CA PRO A 167 6.75 -13.66 -13.23
C PRO A 167 5.62 -12.80 -13.82
N ASN A 168 5.70 -12.62 -15.14
CA ASN A 168 4.64 -12.01 -15.93
C ASN A 168 4.32 -10.60 -15.47
N VAL A 169 5.35 -9.81 -15.23
CA VAL A 169 5.11 -8.42 -14.86
C VAL A 169 5.36 -7.56 -16.04
N THR A 170 4.40 -6.69 -16.38
CA THR A 170 4.54 -5.81 -17.53
C THR A 170 5.00 -4.45 -17.09
N VAL A 171 6.16 -4.04 -17.58
CA VAL A 171 6.79 -2.79 -17.19
C VAL A 171 6.67 -1.81 -18.35
N PHE A 172 6.06 -0.69 -18.06
CA PHE A 172 5.93 0.42 -18.96
C PHE A 172 6.94 1.45 -18.51
N GLY A 173 7.79 1.92 -19.43
CA GLY A 173 8.74 2.96 -19.16
C GLY A 173 8.51 4.20 -20.01
N THR A 174 8.85 5.36 -19.47
CA THR A 174 9.04 6.57 -20.29
C THR A 174 10.52 7.02 -20.24
N ALA A 175 10.99 7.60 -21.34
CA ALA A 175 12.35 8.08 -21.50
C ALA A 175 12.48 8.90 -22.80
N SER A 176 13.45 9.81 -22.86
CA SER A 176 13.74 10.59 -24.08
C SER A 176 14.14 9.66 -25.21
N THR A 177 13.69 9.96 -26.43
CA THR A 177 13.76 9.00 -27.55
C THR A 177 15.19 8.61 -27.96
N PHE A 178 16.15 9.52 -27.76
CA PHE A 178 17.57 9.17 -27.99
C PHE A 178 18.08 8.07 -27.05
N LYS A 179 17.39 7.83 -25.93
CA LYS A 179 17.77 6.75 -25.04
C LYS A 179 17.18 5.39 -25.43
N HIS A 180 16.12 5.39 -26.27
CA HIS A 180 15.26 4.22 -26.46
C HIS A 180 16.02 2.99 -26.97
N GLU A 181 16.98 3.16 -27.89
CA GLU A 181 17.70 2.02 -28.46
C GLU A 181 18.53 1.33 -27.38
N ALA A 182 19.14 2.12 -26.49
CA ALA A 182 19.98 1.59 -25.41
C ALA A 182 19.20 0.93 -24.25
N ILE A 183 17.98 1.39 -23.96
CA ILE A 183 17.22 0.84 -22.81
C ILE A 183 15.98 0.02 -23.20
N LYS A 184 15.68 -0.09 -24.49
CA LYS A 184 14.43 -0.73 -24.91
C LYS A 184 14.32 -2.16 -24.41
N ASP A 185 15.41 -2.91 -24.34
CA ASP A 185 15.33 -4.33 -23.88
C ASP A 185 15.14 -4.47 -22.35
N SER A 186 15.23 -3.37 -21.61
CA SER A 186 15.07 -3.43 -20.16
C SER A 186 13.59 -3.34 -19.71
N VAL A 187 12.69 -2.90 -20.58
CA VAL A 187 11.27 -2.81 -20.20
C VAL A 187 10.39 -3.51 -21.26
N THR A 188 9.10 -3.70 -21.01
CA THR A 188 8.24 -4.39 -22.00
C THR A 188 7.80 -3.44 -23.12
N HIS A 189 7.43 -2.22 -22.72
CA HIS A 189 7.02 -1.17 -23.66
C HIS A 189 7.62 0.14 -23.18
N LEU A 190 8.18 0.89 -24.13
CA LEU A 190 8.87 2.13 -23.84
C LEU A 190 8.21 3.28 -24.59
N PHE A 191 7.98 4.40 -23.92
CA PHE A 191 7.29 5.53 -24.51
C PHE A 191 8.06 6.83 -24.40
N ASP A 192 7.73 7.73 -25.31
CA ASP A 192 8.38 9.01 -25.35
C ASP A 192 7.81 9.83 -24.24
N ARG A 193 8.74 10.34 -23.45
CA ARG A 193 8.48 11.15 -22.27
C ARG A 193 7.53 12.28 -22.61
N ASN A 194 7.91 13.05 -23.64
CA ASN A 194 7.17 14.25 -24.05
C ASN A 194 5.95 14.04 -24.96
N ALA A 195 5.68 12.80 -25.36
CA ALA A 195 4.48 12.45 -26.10
C ALA A 195 3.33 12.40 -25.09
N ASP A 196 2.21 11.77 -25.45
CA ASP A 196 1.13 11.50 -24.48
C ASP A 196 0.96 10.01 -24.27
N TYR A 197 1.96 9.47 -23.59
CA TYR A 197 2.03 8.07 -23.19
C TYR A 197 0.76 7.54 -22.51
N VAL A 198 0.05 8.40 -21.78
CA VAL A 198 -1.19 7.97 -21.11
C VAL A 198 -2.09 7.19 -22.07
N GLN A 199 -2.32 7.76 -23.25
CA GLN A 199 -3.09 7.11 -24.30
C GLN A 199 -2.36 5.85 -24.78
N GLU A 200 -1.05 5.97 -25.00
CA GLU A 200 -0.23 4.86 -25.47
C GLU A 200 -0.26 3.68 -24.51
N VAL A 201 -0.18 3.95 -23.21
CA VAL A 201 -0.33 2.90 -22.17
C VAL A 201 -1.75 2.35 -22.22
N LYS A 202 -2.73 3.24 -22.22
CA LYS A 202 -4.14 2.80 -22.21
C LYS A 202 -4.47 1.92 -23.44
N ARG A 203 -3.83 2.17 -24.59
CA ARG A 203 -4.06 1.34 -25.78
C ARG A 203 -3.57 -0.11 -25.58
N ILE A 204 -2.59 -0.33 -24.69
CA ILE A 204 -2.12 -1.70 -24.35
C ILE A 204 -2.85 -2.27 -23.13
N SER A 205 -3.25 -1.39 -22.22
CA SER A 205 -3.94 -1.81 -21.01
C SER A 205 -4.99 -0.76 -20.67
N ALA A 206 -6.22 -0.99 -21.14
CA ALA A 206 -7.31 -0.01 -21.03
C ALA A 206 -7.49 0.52 -19.61
N GLU A 207 -7.44 -0.39 -18.66
CA GLU A 207 -7.59 -0.12 -17.22
C GLU A 207 -6.41 0.64 -16.58
N GLY A 208 -5.24 0.55 -17.20
CA GLY A 208 -4.04 1.24 -16.76
C GLY A 208 -3.08 0.29 -16.06
N VAL A 209 -2.46 0.77 -14.97
CA VAL A 209 -1.48 -0.04 -14.25
C VAL A 209 -1.76 -0.20 -12.74
N ASP A 210 -1.13 -1.23 -12.17
CA ASP A 210 -1.20 -1.49 -10.75
C ASP A 210 -0.35 -0.56 -9.92
N ILE A 211 0.83 -0.17 -10.45
CA ILE A 211 1.76 0.67 -9.71
C ILE A 211 2.32 1.76 -10.60
N VAL A 212 2.26 3.00 -10.11
CA VAL A 212 2.94 4.09 -10.78
C VAL A 212 4.06 4.61 -9.84
N LEU A 213 5.28 4.72 -10.38
CA LEU A 213 6.45 5.22 -9.66
C LEU A 213 6.92 6.51 -10.27
N ASP A 214 6.82 7.59 -9.49
CA ASP A 214 7.03 8.92 -10.00
C ASP A 214 8.01 9.71 -9.15
N CYS A 215 9.12 10.14 -9.75
CA CYS A 215 10.16 10.80 -8.94
C CYS A 215 9.87 12.27 -8.70
N LEU A 216 10.56 12.82 -7.71
CA LEU A 216 10.59 14.25 -7.41
C LEU A 216 11.49 14.97 -8.39
N CYS A 217 12.27 14.22 -9.17
CA CYS A 217 13.25 14.76 -10.10
C CYS A 217 12.61 15.29 -11.39
N LEU A 225 -1.95 8.81 -11.39
CA LEU A 225 -3.19 9.03 -10.67
C LEU A 225 -4.37 8.52 -11.51
N SER A 226 -4.62 9.19 -12.62
CA SER A 226 -5.60 8.74 -13.62
C SER A 226 -5.17 7.44 -14.29
N LEU A 227 -3.89 7.10 -14.14
CA LEU A 227 -3.31 5.91 -14.75
C LEU A 227 -3.60 4.60 -13.93
N LEU A 228 -3.98 4.74 -12.68
CA LEU A 228 -4.07 3.55 -11.79
C LEU A 228 -5.32 2.68 -11.94
N LYS A 229 -5.12 1.37 -12.03
CA LYS A 229 -6.22 0.42 -11.87
C LYS A 229 -6.83 0.61 -10.46
N PRO A 230 -8.06 0.07 -10.21
CA PRO A 230 -8.56 -0.04 -8.86
C PRO A 230 -7.60 -0.84 -7.97
N LEU A 231 -7.48 -0.39 -6.73
CA LEU A 231 -6.51 -0.88 -5.75
C LEU A 231 -5.06 -0.60 -6.14
N GLY A 232 -4.83 0.22 -7.14
CA GLY A 232 -3.46 0.57 -7.50
C GLY A 232 -2.79 1.55 -6.55
N THR A 233 -1.46 1.65 -6.65
CA THR A 233 -0.61 2.46 -5.74
C THR A 233 0.25 3.42 -6.54
N TYR A 234 0.14 4.69 -6.21
CA TYR A 234 0.99 5.72 -6.75
C TYR A 234 2.02 6.08 -5.67
N ILE A 235 3.31 6.07 -6.04
CA ILE A 235 4.40 6.30 -5.11
C ILE A 235 5.25 7.45 -5.62
N LEU A 236 5.30 8.51 -4.82
CA LEU A 236 6.16 9.64 -5.07
C LEU A 236 7.46 9.49 -4.27
N TYR A 237 8.58 9.50 -4.97
CA TYR A 237 9.86 9.37 -4.30
C TYR A 237 10.87 10.38 -4.80
N GLY A 238 12.04 10.40 -4.16
CA GLY A 238 13.02 11.49 -4.31
C GLY A 238 13.72 11.47 -5.65
N ASN A 264 -7.64 14.92 -2.58
CA ASN A 264 -8.92 14.81 -1.87
C ASN A 264 -9.17 13.38 -1.39
N PRO A 265 -9.02 13.09 -0.08
CA PRO A 265 -9.20 11.73 0.50
C PRO A 265 -10.51 10.99 0.14
N ILE A 266 -11.58 11.72 -0.12
CA ILE A 266 -12.83 11.10 -0.59
C ILE A 266 -12.65 10.53 -2.01
N LYS A 267 -11.80 11.16 -2.83
CA LYS A 267 -11.41 10.60 -4.15
C LYS A 267 -10.71 9.23 -4.02
N LEU A 268 -9.88 9.07 -3.00
CA LEU A 268 -9.21 7.80 -2.77
C LEU A 268 -10.24 6.72 -2.41
N TYR A 269 -11.14 7.07 -1.48
CA TYR A 269 -12.28 6.21 -1.08
C TYR A 269 -13.12 5.80 -2.30
N GLU A 270 -13.53 6.80 -3.06
CA GLU A 270 -14.43 6.58 -4.20
C GLU A 270 -13.73 5.80 -5.29
N GLU A 271 -12.47 6.11 -5.53
CA GLU A 271 -11.74 5.45 -6.61
C GLU A 271 -10.94 4.24 -6.19
N ASN A 272 -10.92 3.95 -4.88
CA ASN A 272 -10.17 2.82 -4.38
C ASN A 272 -8.69 2.82 -4.73
N LYS A 273 -8.06 3.94 -4.42
CA LYS A 273 -6.64 4.09 -4.72
C LYS A 273 -5.78 4.45 -3.51
N VAL A 274 -4.49 4.21 -3.68
CA VAL A 274 -3.45 4.28 -2.67
C VAL A 274 -2.42 5.30 -3.13
N ILE A 275 -2.06 6.22 -2.24
CA ILE A 275 -0.96 7.13 -2.48
C ILE A 275 0.04 7.02 -1.38
N ALA A 276 1.31 7.00 -1.77
CA ALA A 276 2.41 6.85 -0.84
C ALA A 276 3.55 7.78 -1.20
N GLY A 277 4.39 8.09 -0.22
CA GLY A 277 5.59 8.82 -0.45
C GLY A 277 6.70 8.00 0.11
N PHE A 278 7.89 8.12 -0.48
CA PHE A 278 9.04 7.35 -0.03
C PHE A 278 10.36 8.14 -0.08
N SER A 279 11.06 8.17 1.07
CA SER A 279 12.38 8.82 1.24
C SER A 279 13.29 7.87 1.96
N LEU A 280 14.20 7.23 1.25
CA LEU A 280 15.10 6.28 1.88
C LEU A 280 15.98 6.95 2.97
N LEU A 281 16.49 8.14 2.70
CA LEU A 281 17.39 8.80 3.64
C LEU A 281 16.72 9.03 4.99
N ASN A 282 15.49 9.52 4.95
CA ASN A 282 14.70 9.70 6.17
C ASN A 282 14.45 8.41 6.92
N LEU A 283 14.18 7.34 6.17
CA LEU A 283 13.96 6.03 6.76
C LEU A 283 15.21 5.59 7.51
N LEU A 284 16.38 5.87 6.91
CA LEU A 284 17.66 5.50 7.49
C LEU A 284 18.08 6.33 8.73
N PHE A 285 18.05 7.64 8.57
CA PHE A 285 18.76 8.57 9.46
C PHE A 285 17.84 9.33 10.39
N LYS A 286 16.52 9.31 10.15
CA LYS A 286 15.53 9.96 11.03
C LYS A 286 14.55 8.99 11.69
N GLN A 287 14.18 7.91 10.99
CA GLN A 287 13.13 7.03 11.46
C GLN A 287 13.64 5.69 11.99
N GLY A 288 14.93 5.42 11.87
CA GLY A 288 15.52 4.30 12.60
C GLY A 288 15.30 2.93 12.00
N ARG A 289 15.12 2.83 10.68
CA ARG A 289 14.80 1.51 10.10
C ARG A 289 15.98 0.80 9.45
N ALA A 290 17.16 1.01 10.00
CA ALA A 290 18.37 0.37 9.53
C ALA A 290 18.20 -1.15 9.43
N GLY A 291 17.58 -1.75 10.44
CA GLY A 291 17.36 -3.22 10.47
C GLY A 291 16.61 -3.75 9.25
N LEU A 292 15.47 -3.14 8.97
CA LEU A 292 14.69 -3.44 7.77
C LEU A 292 15.54 -3.34 6.52
N ILE A 293 16.27 -2.23 6.39
CA ILE A 293 17.05 -1.96 5.18
C ILE A 293 18.10 -3.04 5.00
N ARG A 294 18.64 -3.54 6.08
CA ARG A 294 19.65 -4.60 6.01
C ARG A 294 19.04 -5.86 5.43
N GLY A 295 17.82 -6.18 5.86
CA GLY A 295 17.04 -7.24 5.22
C GLY A 295 16.89 -7.07 3.72
N VAL A 296 16.49 -5.87 3.28
CA VAL A 296 16.45 -5.56 1.84
C VAL A 296 17.79 -5.76 1.16
N VAL A 297 18.86 -5.23 1.73
CA VAL A 297 20.20 -5.36 1.12
C VAL A 297 20.66 -6.82 0.99
N GLU A 298 20.34 -7.61 1.99
CA GLU A 298 20.69 -9.03 1.96
C GLU A 298 20.00 -9.75 0.82
N LYS A 299 18.70 -9.47 0.65
CA LYS A 299 18.00 -10.01 -0.50
C LYS A 299 18.56 -9.42 -1.82
N LEU A 300 18.82 -8.11 -1.91
CA LEU A 300 19.45 -7.55 -3.14
C LEU A 300 20.79 -8.28 -3.46
N ILE A 301 21.59 -8.58 -2.44
CA ILE A 301 22.90 -9.22 -2.69
C ILE A 301 22.72 -10.66 -3.16
N GLY A 302 21.71 -11.34 -2.59
CA GLY A 302 21.33 -12.70 -3.06
C GLY A 302 20.97 -12.69 -4.54
N LEU A 303 20.14 -11.71 -4.97
CA LEU A 303 19.81 -11.56 -6.38
C LEU A 303 21.05 -11.23 -7.23
N TYR A 304 21.90 -10.30 -6.78
CA TYR A 304 23.13 -10.00 -7.51
C TYR A 304 24.00 -11.26 -7.77
N ASN A 305 24.16 -12.06 -6.73
CA ASN A 305 24.95 -13.33 -6.81
C ASN A 305 24.35 -14.39 -7.72
N GLN A 306 23.03 -14.43 -7.83
CA GLN A 306 22.35 -15.26 -8.80
C GLN A 306 22.30 -14.61 -10.19
N LYS A 307 22.92 -13.45 -10.34
CA LYS A 307 23.05 -12.76 -11.64
C LYS A 307 21.71 -12.32 -12.17
N LYS A 308 20.78 -12.05 -11.28
CA LYS A 308 19.48 -11.52 -11.66
C LYS A 308 19.41 -10.00 -11.68
N ILE A 309 20.32 -9.32 -11.00
CA ILE A 309 20.39 -7.88 -11.09
C ILE A 309 21.85 -7.43 -11.20
N LYS A 310 22.05 -6.22 -11.72
CA LYS A 310 23.36 -5.65 -11.95
C LYS A 310 23.22 -4.14 -12.17
N PRO A 311 23.87 -3.34 -11.35
CA PRO A 311 23.80 -1.90 -11.50
C PRO A 311 24.29 -1.46 -12.87
N VAL A 312 23.62 -0.46 -13.44
CA VAL A 312 23.94 0.10 -14.76
C VAL A 312 24.68 1.38 -14.44
N VAL A 313 25.94 1.46 -14.84
CA VAL A 313 26.81 2.60 -14.54
C VAL A 313 26.90 3.48 -15.79
N ASP A 314 26.54 4.74 -15.67
CA ASP A 314 26.57 5.63 -16.84
C ASP A 314 28.00 6.11 -17.17
N SER A 315 28.73 6.51 -16.14
CA SER A 315 30.00 7.22 -16.31
C SER A 315 30.75 7.37 -14.99
N LEU A 316 32.07 7.46 -15.07
CA LEU A 316 32.97 7.65 -13.95
C LEU A 316 33.60 9.00 -14.06
N TRP A 317 33.69 9.71 -12.94
CA TRP A 317 34.21 11.03 -12.87
C TRP A 317 35.27 11.18 -11.81
N ALA A 318 36.28 12.01 -12.12
CA ALA A 318 37.31 12.39 -11.14
C ALA A 318 36.68 13.26 -10.05
N LEU A 319 37.30 13.32 -8.88
CA LEU A 319 36.82 14.23 -7.84
C LEU A 319 36.78 15.68 -8.32
N GLU A 320 37.72 16.06 -9.17
CA GLU A 320 37.78 17.40 -9.76
C GLU A 320 36.61 17.66 -10.70
N GLU A 321 35.91 16.60 -11.13
CA GLU A 321 34.90 16.74 -12.20
C GLU A 321 33.46 16.70 -11.68
N VAL A 322 33.27 16.90 -10.37
CA VAL A 322 31.94 16.81 -9.76
C VAL A 322 30.91 17.81 -10.34
N LYS A 323 31.36 19.01 -10.71
CA LYS A 323 30.49 20.02 -11.34
C LYS A 323 29.93 19.48 -12.64
N GLU A 324 30.80 18.94 -13.48
CA GLU A 324 30.36 18.42 -14.79
C GLU A 324 29.39 17.22 -14.64
N ALA A 325 29.63 16.35 -13.65
CA ALA A 325 28.73 15.25 -13.44
C ALA A 325 27.33 15.75 -13.01
N MET A 326 27.30 16.70 -12.07
CA MET A 326 26.04 17.27 -11.61
C MET A 326 25.26 17.91 -12.73
N GLN A 327 25.99 18.58 -13.62
CA GLN A 327 25.37 19.20 -14.77
C GLN A 327 24.70 18.16 -15.60
N ARG A 328 25.38 17.04 -15.80
CA ARG A 328 24.79 15.96 -16.61
C ARG A 328 23.50 15.39 -16.00
N ILE A 329 23.46 15.24 -14.68
CA ILE A 329 22.25 14.77 -14.00
C ILE A 329 21.13 15.81 -14.13
N HIS A 330 21.47 17.09 -13.97
CA HIS A 330 20.50 18.15 -14.21
C HIS A 330 19.93 18.08 -15.62
N ASP A 331 20.79 17.85 -16.61
CA ASP A 331 20.42 17.78 -18.02
C ASP A 331 19.80 16.45 -18.42
N ARG A 332 19.62 15.55 -17.45
CA ARG A 332 18.99 14.25 -17.67
C ARG A 332 19.61 13.47 -18.81
N GLY A 333 20.93 13.60 -18.99
CA GLY A 333 21.64 12.99 -20.09
C GLY A 333 22.15 11.58 -19.85
N ASN A 334 22.04 11.11 -18.61
CA ASN A 334 22.58 9.80 -18.24
C ASN A 334 21.67 8.60 -18.49
N ILE A 335 22.28 7.43 -18.69
CA ILE A 335 21.61 6.14 -18.59
C ILE A 335 22.25 5.36 -17.43
N GLY A 336 21.55 5.26 -16.31
CA GLY A 336 22.13 4.65 -15.12
C GLY A 336 22.91 5.65 -14.30
N LYS A 337 23.74 5.14 -13.41
CA LYS A 337 24.29 5.90 -12.30
C LYS A 337 25.56 6.65 -12.64
N LEU A 338 25.75 7.82 -12.09
CA LEU A 338 27.02 8.52 -12.24
C LEU A 338 27.81 8.25 -10.98
N ILE A 339 29.09 7.96 -11.13
CA ILE A 339 29.93 7.61 -10.03
C ILE A 339 31.16 8.48 -9.97
N LEU A 340 31.48 8.95 -8.77
CA LEU A 340 32.73 9.66 -8.54
C LEU A 340 33.77 8.60 -8.21
N ASP A 341 34.78 8.48 -9.05
CA ASP A 341 35.81 7.47 -8.89
C ASP A 341 37.09 8.16 -8.34
N VAL A 342 37.40 7.93 -7.07
CA VAL A 342 38.48 8.67 -6.38
C VAL A 342 39.87 8.52 -7.08
N GLU A 343 40.18 7.35 -7.65
CA GLU A 343 41.48 7.13 -8.32
C GLU A 343 41.49 7.49 -9.82
N LYS A 344 40.39 8.06 -10.31
CA LYS A 344 40.37 8.48 -11.73
C LYS A 344 41.07 9.82 -11.95
N THR A 345 41.99 9.86 -12.92
CA THR A 345 42.64 11.09 -13.24
C THR A 345 41.71 11.95 -14.04
N PRO A 346 41.70 13.28 -13.79
CA PRO A 346 40.96 14.23 -14.66
C PRO A 346 41.68 14.50 -15.98
N MET B 2 -45.76 -14.02 -9.26
CA MET B 2 -46.40 -12.75 -9.72
C MET B 2 -45.87 -11.49 -9.00
N GLU B 3 -46.13 -11.37 -7.69
CA GLU B 3 -45.71 -10.22 -6.88
C GLU B 3 -44.90 -10.72 -5.66
N MET B 4 -44.14 -9.82 -5.05
CA MET B 4 -43.43 -10.07 -3.80
C MET B 4 -43.55 -8.91 -2.84
N ARG B 5 -43.23 -9.16 -1.56
CA ARG B 5 -43.16 -8.09 -0.59
C ARG B 5 -41.74 -7.48 -0.55
N ALA B 6 -41.63 -6.16 -0.36
CA ALA B 6 -40.34 -5.47 -0.35
C ALA B 6 -40.41 -4.25 0.59
N VAL B 7 -39.26 -3.87 1.16
CA VAL B 7 -39.14 -2.64 1.92
C VAL B 7 -38.87 -1.57 0.90
N VAL B 8 -39.64 -0.50 0.95
CA VAL B 8 -39.52 0.59 -0.01
C VAL B 8 -39.17 1.84 0.75
N LEU B 9 -38.16 2.54 0.27
CA LEU B 9 -37.87 3.89 0.75
C LEU B 9 -38.69 4.84 -0.12
N ALA B 10 -39.72 5.47 0.45
CA ALA B 10 -40.63 6.36 -0.31
C ALA B 10 -39.91 7.61 -0.83
N GLY B 11 -39.15 8.26 0.04
CA GLY B 11 -38.19 9.29 -0.36
C GLY B 11 -37.11 9.37 0.70
N PHE B 12 -36.09 10.21 0.47
CA PHE B 12 -35.05 10.40 1.48
C PHE B 12 -35.59 11.19 2.66
N GLY B 13 -35.06 10.89 3.85
CA GLY B 13 -35.57 11.47 5.10
C GLY B 13 -35.28 10.51 6.24
N GLY B 14 -36.07 10.59 7.31
CA GLY B 14 -35.90 9.75 8.48
C GLY B 14 -36.60 8.41 8.37
N LEU B 15 -36.69 7.73 9.51
CA LEU B 15 -37.22 6.37 9.55
C LEU B 15 -38.59 6.22 8.91
N ASN B 16 -39.43 7.24 9.07
CA ASN B 16 -40.83 7.18 8.66
C ASN B 16 -41.05 7.25 7.13
N LYS B 17 -39.96 7.31 6.36
CA LYS B 17 -40.02 7.15 4.90
C LYS B 17 -40.01 5.70 4.42
N LEU B 18 -39.81 4.75 5.32
CA LEU B 18 -39.89 3.34 5.00
C LEU B 18 -41.34 2.81 4.91
N ARG B 19 -41.60 1.96 3.90
CA ARG B 19 -42.88 1.30 3.67
C ARG B 19 -42.62 -0.18 3.53
N LEU B 20 -43.66 -1.00 3.73
CA LEU B 20 -43.65 -2.40 3.24
C LEU B 20 -44.74 -2.52 2.14
N PHE B 21 -44.31 -2.79 0.90
CA PHE B 21 -45.23 -2.80 -0.22
C PHE B 21 -45.09 -4.09 -1.00
N ARG B 22 -46.10 -4.38 -1.80
CA ARG B 22 -46.07 -5.50 -2.72
C ARG B 22 -45.56 -4.95 -4.04
N LYS B 23 -44.76 -5.71 -4.78
CA LYS B 23 -44.33 -5.23 -6.11
C LYS B 23 -44.05 -6.41 -7.03
N ALA B 24 -43.87 -6.10 -8.32
CA ALA B 24 -43.59 -7.10 -9.33
C ALA B 24 -42.32 -7.83 -9.00
N MET B 25 -42.42 -9.14 -9.12
CA MET B 25 -41.26 -9.97 -8.90
C MET B 25 -40.35 -9.71 -10.07
N PRO B 26 -39.07 -9.43 -9.82
CA PRO B 26 -38.18 -9.36 -10.98
C PRO B 26 -37.92 -10.78 -11.57
N GLU B 27 -37.53 -10.84 -12.84
CA GLU B 27 -37.12 -12.10 -13.45
C GLU B 27 -35.69 -11.94 -13.90
N PRO B 28 -34.92 -13.05 -13.89
CA PRO B 28 -33.50 -12.99 -14.18
C PRO B 28 -33.19 -12.74 -15.67
N GLN B 29 -32.38 -11.72 -15.95
CA GLN B 29 -31.92 -11.46 -17.30
C GLN B 29 -30.76 -12.40 -17.61
N ASP B 30 -30.21 -12.31 -18.81
CA ASP B 30 -29.03 -13.07 -19.15
C ASP B 30 -27.91 -12.88 -18.13
N GLY B 31 -27.33 -13.98 -17.67
CA GLY B 31 -26.23 -13.88 -16.73
C GLY B 31 -26.63 -13.53 -15.28
N GLU B 32 -27.92 -13.49 -14.98
CA GLU B 32 -28.39 -13.25 -13.63
C GLU B 32 -28.95 -14.55 -13.08
N LEU B 33 -29.09 -14.63 -11.76
CA LEU B 33 -30.01 -15.58 -11.20
C LEU B 33 -31.00 -14.91 -10.26
N LYS B 34 -32.09 -15.63 -9.99
CA LYS B 34 -33.15 -15.19 -9.13
C LYS B 34 -32.99 -15.91 -7.79
N ILE B 35 -32.98 -15.13 -6.72
CA ILE B 35 -32.78 -15.64 -5.34
C ILE B 35 -34.06 -15.41 -4.51
N ARG B 36 -34.52 -16.49 -3.88
CA ARG B 36 -35.59 -16.48 -2.90
C ARG B 36 -34.88 -16.17 -1.61
N VAL B 37 -35.06 -14.94 -1.12
CA VAL B 37 -34.23 -14.38 -0.11
C VAL B 37 -34.67 -14.94 1.25
N LYS B 38 -33.72 -15.37 2.06
CA LYS B 38 -34.01 -15.82 3.43
C LYS B 38 -33.58 -14.76 4.46
N ALA B 39 -32.45 -14.09 4.22
CA ALA B 39 -31.91 -13.06 5.14
C ALA B 39 -31.21 -11.96 4.38
N CYS B 40 -31.22 -10.74 4.97
CA CYS B 40 -30.57 -9.58 4.43
C CYS B 40 -29.73 -8.88 5.48
N GLY B 41 -28.58 -8.33 5.06
CA GLY B 41 -27.67 -7.68 5.95
C GLY B 41 -28.15 -6.29 6.15
N LEU B 42 -28.13 -5.81 7.38
CA LEU B 42 -28.30 -4.37 7.64
C LEU B 42 -26.92 -3.73 7.83
N ASN B 43 -26.58 -2.79 6.96
CA ASN B 43 -25.24 -2.15 7.02
C ASN B 43 -25.42 -0.68 7.29
N PHE B 44 -24.41 -0.05 7.88
CA PHE B 44 -24.44 1.38 8.17
C PHE B 44 -24.75 2.21 6.96
N ILE B 45 -24.20 1.83 5.81
CA ILE B 45 -24.46 2.49 4.54
C ILE B 45 -25.98 2.58 4.23
N ASP B 46 -26.75 1.57 4.63
CA ASP B 46 -28.22 1.60 4.45
C ASP B 46 -28.86 2.81 5.18
N LEU B 47 -28.34 3.17 6.36
CA LEU B 47 -28.83 4.35 7.07
C LEU B 47 -28.50 5.63 6.26
N MET B 48 -27.35 5.62 5.60
CA MET B 48 -26.93 6.73 4.76
C MET B 48 -27.76 6.85 3.49
N VAL B 49 -28.03 5.71 2.86
CA VAL B 49 -28.95 5.66 1.73
C VAL B 49 -30.34 6.19 2.13
N ARG B 50 -30.80 5.82 3.31
CA ARG B 50 -32.09 6.28 3.83
C ARG B 50 -32.19 7.82 3.94
N GLN B 51 -31.11 8.46 4.36
CA GLN B 51 -31.07 9.94 4.45
C GLN B 51 -30.70 10.59 3.11
N GLY B 52 -30.26 9.80 2.14
CA GLY B 52 -29.78 10.36 0.86
C GLY B 52 -28.33 10.84 0.89
N ASN B 53 -27.57 10.47 1.92
CA ASN B 53 -26.12 10.78 2.00
C ASN B 53 -25.32 9.79 1.18
N ILE B 54 -25.49 9.86 -0.14
CA ILE B 54 -24.96 8.87 -1.04
C ILE B 54 -24.40 9.57 -2.28
N ASP B 55 -23.32 9.03 -2.82
CA ASP B 55 -22.70 9.59 -4.02
C ASP B 55 -23.54 9.20 -5.22
N ASN B 56 -24.06 10.20 -5.92
CA ASN B 56 -24.94 9.99 -7.07
C ASN B 56 -26.20 9.25 -6.60
N PRO B 57 -26.95 9.84 -5.66
CA PRO B 57 -28.05 9.12 -5.05
C PRO B 57 -29.02 8.60 -6.11
N PRO B 58 -29.48 7.34 -5.97
CA PRO B 58 -30.41 6.79 -6.94
C PRO B 58 -31.81 7.35 -6.75
N LYS B 59 -32.67 7.14 -7.75
CA LYS B 59 -34.01 7.66 -7.72
C LYS B 59 -34.83 6.94 -6.65
N THR B 60 -35.68 7.69 -5.94
CA THR B 60 -36.68 7.12 -5.05
C THR B 60 -38.03 7.19 -5.76
N PRO B 61 -38.97 6.31 -5.39
CA PRO B 61 -38.84 5.17 -4.46
C PRO B 61 -37.82 4.12 -4.89
N LEU B 62 -37.32 3.34 -3.93
CA LEU B 62 -36.30 2.33 -4.17
C LEU B 62 -36.33 1.27 -3.06
N VAL B 63 -35.87 0.09 -3.40
CA VAL B 63 -35.71 -1.00 -2.41
C VAL B 63 -34.27 -0.92 -1.98
N PRO B 64 -34.02 -0.67 -0.69
CA PRO B 64 -32.65 -0.64 -0.21
C PRO B 64 -32.03 -2.01 -0.06
N GLY B 65 -30.73 -2.02 0.28
CA GLY B 65 -29.99 -3.21 0.72
C GLY B 65 -29.05 -3.78 -0.34
N PHE B 66 -27.88 -4.28 0.12
CA PHE B 66 -26.78 -4.65 -0.77
C PHE B 66 -26.31 -6.08 -0.56
N GLU B 67 -26.87 -6.80 0.42
CA GLU B 67 -26.29 -8.07 0.91
C GLU B 67 -27.41 -8.95 1.33
N CYS B 68 -27.46 -10.21 0.86
CA CYS B 68 -28.53 -11.07 1.21
C CYS B 68 -28.06 -12.53 1.09
N SER B 69 -28.85 -13.43 1.59
CA SER B 69 -28.64 -14.90 1.39
C SER B 69 -29.96 -15.55 1.08
N GLY B 70 -29.93 -16.67 0.38
CA GLY B 70 -31.15 -17.42 0.15
C GLY B 70 -30.93 -18.64 -0.74
N ILE B 71 -31.99 -19.01 -1.46
CA ILE B 71 -32.02 -20.18 -2.34
C ILE B 71 -32.27 -19.72 -3.77
N VAL B 72 -31.42 -20.21 -4.64
CA VAL B 72 -31.64 -20.04 -6.07
C VAL B 72 -32.98 -20.70 -6.46
N GLU B 73 -33.81 -19.85 -6.99
CA GLU B 73 -35.16 -20.20 -7.44
C GLU B 73 -35.33 -20.19 -8.97
N ALA B 74 -34.51 -19.44 -9.70
CA ALA B 74 -34.56 -19.46 -11.19
C ALA B 74 -33.23 -19.03 -11.81
N LEU B 75 -32.90 -19.60 -12.97
CA LEU B 75 -31.66 -19.27 -13.69
C LEU B 75 -31.97 -18.36 -14.90
N GLY B 76 -31.11 -17.39 -15.17
CA GLY B 76 -31.18 -16.59 -16.38
C GLY B 76 -30.45 -17.34 -17.45
N ASP B 77 -30.59 -16.90 -18.69
CA ASP B 77 -29.85 -17.46 -19.80
C ASP B 77 -28.35 -17.39 -19.49
N SER B 78 -27.61 -18.41 -19.91
CA SER B 78 -26.14 -18.40 -19.90
C SER B 78 -25.47 -18.44 -18.50
N VAL B 79 -26.15 -19.04 -17.52
CA VAL B 79 -25.64 -19.10 -16.16
C VAL B 79 -24.95 -20.42 -16.00
N LYS B 80 -23.70 -20.37 -15.56
CA LYS B 80 -22.88 -21.55 -15.34
C LYS B 80 -22.79 -21.79 -13.84
N GLY B 81 -22.89 -23.05 -13.42
CA GLY B 81 -22.43 -23.44 -12.09
C GLY B 81 -23.47 -23.49 -10.97
N TYR B 82 -24.74 -23.26 -11.29
CA TYR B 82 -25.80 -23.25 -10.28
C TYR B 82 -26.99 -24.00 -10.73
N GLU B 83 -27.73 -24.51 -9.75
CA GLU B 83 -28.95 -25.25 -9.96
C GLU B 83 -29.94 -24.68 -8.99
N ILE B 84 -31.23 -24.79 -9.32
CA ILE B 84 -32.24 -24.27 -8.41
C ILE B 84 -32.19 -25.14 -7.13
N GLY B 85 -32.37 -24.51 -5.98
CA GLY B 85 -32.19 -25.16 -4.68
C GLY B 85 -30.83 -24.94 -4.04
N ASP B 86 -29.85 -24.41 -4.79
CA ASP B 86 -28.51 -24.11 -4.24
C ASP B 86 -28.64 -22.98 -3.20
N ARG B 87 -27.91 -23.11 -2.11
CA ARG B 87 -27.92 -22.10 -1.05
C ARG B 87 -26.80 -21.13 -1.28
N VAL B 88 -27.09 -19.81 -1.24
CA VAL B 88 -26.11 -18.80 -1.68
C VAL B 88 -26.17 -17.51 -0.83
N MET B 89 -25.10 -16.74 -0.89
CA MET B 89 -25.10 -15.38 -0.39
C MET B 89 -24.71 -14.52 -1.56
N ALA B 90 -25.00 -13.23 -1.49
CA ALA B 90 -24.83 -12.43 -2.69
C ALA B 90 -24.73 -10.99 -2.35
N PHE B 91 -24.02 -10.23 -3.20
CA PHE B 91 -24.15 -8.77 -3.22
C PHE B 91 -25.15 -8.36 -4.24
N VAL B 92 -25.79 -7.18 -4.06
CA VAL B 92 -26.75 -6.76 -5.05
C VAL B 92 -26.79 -5.22 -4.97
N ASN B 93 -26.85 -4.59 -6.11
CA ASN B 93 -26.74 -3.13 -6.18
C ASN B 93 -28.11 -2.58 -5.87
N TYR B 94 -28.41 -2.48 -4.58
CA TYR B 94 -29.76 -2.15 -4.11
C TYR B 94 -30.64 -3.32 -4.34
N ASN B 95 -31.89 -3.20 -3.85
CA ASN B 95 -32.93 -4.21 -4.08
C ASN B 95 -32.83 -5.49 -3.24
N ALA B 96 -31.95 -5.51 -2.26
CA ALA B 96 -31.79 -6.72 -1.41
C ALA B 96 -32.94 -6.87 -0.42
N TRP B 97 -33.57 -5.77 0.06
CA TRP B 97 -34.60 -5.95 1.09
C TRP B 97 -35.97 -6.38 0.55
N ALA B 98 -36.08 -7.65 0.14
CA ALA B 98 -37.26 -8.11 -0.52
C ALA B 98 -37.22 -9.62 -0.53
N GLU B 99 -38.38 -10.21 -0.75
CA GLU B 99 -38.49 -11.68 -0.78
C GLU B 99 -37.75 -12.34 -1.95
N VAL B 100 -37.57 -11.61 -3.06
CA VAL B 100 -36.90 -12.09 -4.25
C VAL B 100 -35.98 -10.99 -4.78
N VAL B 101 -34.81 -11.44 -5.21
CA VAL B 101 -33.74 -10.62 -5.71
C VAL B 101 -33.17 -11.25 -6.97
N CYS B 102 -32.94 -10.43 -8.00
CA CYS B 102 -32.17 -10.88 -9.17
C CYS B 102 -30.84 -10.17 -9.15
N THR B 103 -29.76 -10.90 -9.40
CA THR B 103 -28.43 -10.29 -9.43
C THR B 103 -27.51 -11.02 -10.41
N PRO B 104 -26.57 -10.28 -11.03
CA PRO B 104 -25.60 -10.96 -11.89
C PRO B 104 -24.85 -12.08 -11.16
N VAL B 105 -24.63 -13.19 -11.82
CA VAL B 105 -24.01 -14.36 -11.21
C VAL B 105 -22.62 -14.08 -10.62
N GLU B 106 -21.90 -13.09 -11.15
CA GLU B 106 -20.54 -12.86 -10.64
C GLU B 106 -20.55 -12.38 -9.20
N PHE B 107 -21.71 -11.94 -8.71
CA PHE B 107 -21.85 -11.49 -7.31
C PHE B 107 -22.49 -12.52 -6.37
N VAL B 108 -22.56 -13.78 -6.81
CA VAL B 108 -23.22 -14.84 -6.05
C VAL B 108 -22.22 -15.90 -5.61
N TYR B 109 -22.36 -16.37 -4.37
CA TYR B 109 -21.41 -17.32 -3.80
C TYR B 109 -22.17 -18.40 -3.10
N LYS B 110 -21.85 -19.63 -3.45
CA LYS B 110 -22.40 -20.81 -2.79
C LYS B 110 -21.90 -20.91 -1.37
N ILE B 111 -22.80 -21.23 -0.45
CA ILE B 111 -22.41 -21.29 0.93
C ILE B 111 -22.31 -22.70 1.42
N PRO B 112 -21.49 -22.92 2.43
CA PRO B 112 -21.32 -24.32 2.94
C PRO B 112 -22.60 -24.73 3.67
N ASP B 113 -22.86 -26.03 3.70
CA ASP B 113 -24.05 -26.59 4.35
C ASP B 113 -24.10 -26.24 5.84
N ASP B 114 -22.93 -26.07 6.45
CA ASP B 114 -22.83 -25.74 7.87
C ASP B 114 -23.21 -24.34 8.19
N MET B 115 -23.22 -23.47 7.16
CA MET B 115 -23.48 -22.06 7.36
C MET B 115 -24.97 -21.75 7.23
N SER B 116 -25.54 -21.12 8.25
CA SER B 116 -26.95 -20.87 8.26
C SER B 116 -27.17 -19.67 7.35
N PHE B 117 -28.43 -19.37 7.04
CA PHE B 117 -28.75 -18.20 6.20
C PHE B 117 -28.45 -16.90 6.90
N SER B 118 -28.66 -16.84 8.20
CA SER B 118 -28.45 -15.59 8.95
C SER B 118 -26.95 -15.26 8.99
N GLU B 119 -26.12 -16.25 9.26
CA GLU B 119 -24.67 -16.09 9.19
C GLU B 119 -24.17 -15.62 7.83
N ALA B 120 -24.70 -16.25 6.78
CA ALA B 120 -24.31 -15.99 5.43
C ALA B 120 -24.63 -14.52 5.04
N ALA B 121 -25.74 -14.01 5.48
CA ALA B 121 -26.14 -12.61 5.15
C ALA B 121 -25.37 -11.62 6.01
N ALA B 122 -24.70 -12.13 7.04
CA ALA B 122 -23.78 -11.32 7.84
C ALA B 122 -22.33 -11.39 7.34
N PHE B 123 -22.06 -12.27 6.38
CA PHE B 123 -20.67 -12.63 5.98
C PHE B 123 -19.96 -11.65 4.97
N PRO B 124 -20.55 -11.42 3.79
CA PRO B 124 -19.83 -10.73 2.70
C PRO B 124 -19.40 -9.28 2.91
N MET B 125 -20.30 -8.36 3.23
CA MET B 125 -19.87 -6.95 3.39
C MET B 125 -18.71 -6.81 4.41
N ASN B 126 -18.91 -7.31 5.63
CA ASN B 126 -17.97 -7.09 6.70
C ASN B 126 -16.65 -7.85 6.47
N PHE B 127 -16.72 -9.12 6.12
CA PHE B 127 -15.52 -9.88 6.00
C PHE B 127 -14.72 -9.56 4.70
N VAL B 128 -15.38 -9.25 3.60
CA VAL B 128 -14.66 -8.91 2.39
C VAL B 128 -13.98 -7.55 2.62
N THR B 129 -14.68 -6.62 3.25
CA THR B 129 -14.08 -5.32 3.49
C THR B 129 -12.81 -5.48 4.35
N ALA B 130 -12.96 -6.20 5.45
CA ALA B 130 -11.86 -6.48 6.32
C ALA B 130 -10.69 -7.16 5.57
N TYR B 131 -10.99 -8.15 4.75
CA TYR B 131 -9.94 -8.92 4.16
C TYR B 131 -9.19 -8.07 3.14
N VAL B 132 -9.94 -7.33 2.34
CA VAL B 132 -9.35 -6.55 1.30
C VAL B 132 -8.47 -5.46 1.88
N MET B 133 -8.94 -4.80 2.93
CA MET B 133 -8.13 -3.75 3.58
C MET B 133 -6.83 -4.24 4.19
N LEU B 134 -6.87 -5.40 4.84
CA LEU B 134 -5.70 -5.95 5.50
C LEU B 134 -4.69 -6.61 4.57
N PHE B 135 -5.15 -7.26 3.52
CA PHE B 135 -4.25 -8.06 2.71
C PHE B 135 -4.08 -7.58 1.28
N GLU B 136 -4.98 -6.74 0.78
CA GLU B 136 -4.82 -6.20 -0.55
C GLU B 136 -4.40 -4.72 -0.54
N VAL B 137 -4.95 -3.90 0.34
CA VAL B 137 -4.53 -2.51 0.45
C VAL B 137 -3.26 -2.47 1.31
N ALA B 138 -3.34 -2.80 2.59
CA ALA B 138 -2.16 -3.02 3.37
C ALA B 138 -1.75 -4.45 3.04
N ASN B 139 -0.63 -4.88 3.57
CA ASN B 139 -0.10 -6.25 3.40
C ASN B 139 0.23 -6.76 4.80
N LEU B 140 -0.79 -7.08 5.60
CA LEU B 140 -0.59 -7.49 7.01
C LEU B 140 0.27 -8.73 7.10
N ARG B 141 1.36 -8.63 7.88
CA ARG B 141 2.29 -9.73 8.12
C ARG B 141 2.59 -9.87 9.63
N GLU B 142 3.21 -11.00 9.96
CA GLU B 142 3.64 -11.34 11.33
C GLU B 142 4.28 -10.17 12.08
N GLY B 143 3.89 -9.96 13.33
CA GLY B 143 4.54 -8.97 14.19
C GLY B 143 3.99 -7.55 14.07
N MET B 144 3.02 -7.33 13.21
CA MET B 144 2.53 -6.00 13.00
C MET B 144 1.49 -5.61 14.00
N SER B 145 1.11 -4.35 13.98
CA SER B 145 0.08 -3.90 14.82
C SER B 145 -0.92 -3.08 14.04
N VAL B 146 -2.17 -3.19 14.48
CA VAL B 146 -3.30 -2.60 13.80
C VAL B 146 -4.11 -1.79 14.80
N LEU B 147 -4.51 -0.60 14.39
CA LEU B 147 -5.45 0.19 15.13
C LEU B 147 -6.74 0.18 14.39
N VAL B 148 -7.77 -0.30 15.07
CA VAL B 148 -9.10 -0.43 14.51
C VAL B 148 -10.06 0.47 15.26
N HIS B 149 -10.55 1.51 14.61
CA HIS B 149 -11.56 2.37 15.18
C HIS B 149 -12.90 1.66 15.12
N SER B 150 -13.79 1.93 16.08
CA SER B 150 -15.09 1.24 16.14
C SER B 150 -14.87 -0.27 16.15
N ALA B 151 -14.05 -0.73 17.09
CA ALA B 151 -13.70 -2.14 17.24
C ALA B 151 -14.89 -3.09 17.47
N GLY B 152 -16.01 -2.53 17.94
CA GLY B 152 -17.23 -3.29 18.20
C GLY B 152 -18.18 -3.42 17.01
N GLY B 153 -17.96 -2.62 15.96
CA GLY B 153 -18.77 -2.69 14.75
C GLY B 153 -18.52 -3.96 13.94
N GLY B 154 -19.35 -4.17 12.92
CA GLY B 154 -19.24 -5.30 12.00
C GLY B 154 -17.84 -5.47 11.39
N VAL B 155 -17.33 -4.43 10.77
CA VAL B 155 -16.01 -4.52 10.11
C VAL B 155 -14.93 -4.62 11.16
N GLY B 156 -15.05 -3.81 12.21
CA GLY B 156 -14.11 -3.93 13.33
C GLY B 156 -13.92 -5.33 13.86
N GLN B 157 -15.02 -6.05 14.06
CA GLN B 157 -14.94 -7.41 14.53
C GLN B 157 -14.40 -8.39 13.48
N ALA B 158 -14.74 -8.16 12.20
CA ALA B 158 -14.16 -8.92 11.10
C ALA B 158 -12.63 -8.74 11.06
N VAL B 159 -12.18 -7.51 11.29
CA VAL B 159 -10.75 -7.21 11.27
C VAL B 159 -10.04 -7.94 12.41
N ALA B 160 -10.65 -7.94 13.59
CA ALA B 160 -10.04 -8.56 14.78
C ALA B 160 -9.92 -10.06 14.56
N GLN B 161 -10.92 -10.69 13.98
CA GLN B 161 -10.83 -12.16 13.71
C GLN B 161 -9.78 -12.49 12.68
N LEU B 162 -9.69 -11.67 11.63
CA LEU B 162 -8.69 -11.96 10.59
C LEU B 162 -7.26 -11.74 11.08
N CYS B 163 -7.05 -10.70 11.89
CA CYS B 163 -5.74 -10.47 12.50
C CYS B 163 -5.27 -11.68 13.30
N SER B 164 -6.20 -12.35 13.96
CA SER B 164 -5.84 -13.54 14.77
C SER B 164 -5.41 -14.72 13.93
N THR B 165 -5.63 -14.68 12.62
CA THR B 165 -5.13 -15.76 11.72
C THR B 165 -3.68 -15.55 11.31
N VAL B 166 -3.14 -14.37 11.59
CA VAL B 166 -1.73 -14.06 11.31
C VAL B 166 -0.96 -14.00 12.66
N PRO B 167 0.17 -14.71 12.78
CA PRO B 167 0.87 -14.71 14.07
C PRO B 167 1.34 -13.35 14.60
N ASN B 168 1.16 -13.16 15.90
CA ASN B 168 1.77 -12.09 16.67
C ASN B 168 1.36 -10.75 16.15
N VAL B 169 0.07 -10.60 15.90
CA VAL B 169 -0.44 -9.35 15.50
C VAL B 169 -1.15 -8.72 16.66
N THR B 170 -0.75 -7.51 16.99
CA THR B 170 -1.37 -6.80 18.08
C THR B 170 -2.45 -5.88 17.56
N VAL B 171 -3.67 -6.09 18.06
CA VAL B 171 -4.81 -5.29 17.65
C VAL B 171 -5.22 -4.35 18.75
N PHE B 172 -5.25 -3.07 18.39
CA PHE B 172 -5.67 -2.01 19.26
C PHE B 172 -7.03 -1.61 18.75
N GLY B 173 -8.00 -1.57 19.65
CA GLY B 173 -9.35 -1.15 19.32
C GLY B 173 -9.71 0.09 20.12
N THR B 174 -10.59 0.90 19.54
CA THR B 174 -11.33 1.90 20.28
C THR B 174 -12.83 1.60 20.17
N ALA B 175 -13.58 2.00 21.19
CA ALA B 175 -15.02 1.84 21.17
C ALA B 175 -15.71 2.64 22.27
N SER B 176 -17.03 2.74 22.14
CA SER B 176 -17.87 3.26 23.21
C SER B 176 -17.54 2.47 24.45
N THR B 177 -17.23 3.16 25.55
CA THR B 177 -16.91 2.52 26.82
C THR B 177 -18.05 1.61 27.32
N PHE B 178 -19.30 1.90 26.90
CA PHE B 178 -20.44 1.02 27.17
C PHE B 178 -20.31 -0.37 26.54
N LYS B 179 -19.49 -0.49 25.50
CA LYS B 179 -19.29 -1.77 24.78
C LYS B 179 -18.15 -2.66 25.27
N HIS B 180 -17.26 -2.12 26.11
CA HIS B 180 -15.97 -2.77 26.43
C HIS B 180 -16.08 -4.20 27.00
N GLU B 181 -17.06 -4.46 27.87
CA GLU B 181 -17.20 -5.79 28.47
C GLU B 181 -17.54 -6.85 27.41
N ALA B 182 -18.36 -6.47 26.43
CA ALA B 182 -18.77 -7.38 25.35
C ALA B 182 -17.69 -7.65 24.30
N ILE B 183 -16.81 -6.68 24.04
CA ILE B 183 -15.80 -6.81 22.99
C ILE B 183 -14.35 -6.97 23.48
N LYS B 184 -14.13 -6.86 24.79
CA LYS B 184 -12.77 -6.86 25.34
C LYS B 184 -11.95 -8.09 24.94
N ASP B 185 -12.58 -9.26 24.86
CA ASP B 185 -11.87 -10.50 24.53
C ASP B 185 -11.49 -10.63 23.06
N SER B 186 -12.01 -9.75 22.20
CA SER B 186 -11.72 -9.81 20.78
C SER B 186 -10.32 -9.24 20.45
N VAL B 187 -9.89 -8.22 21.19
CA VAL B 187 -8.73 -7.41 20.81
C VAL B 187 -7.62 -7.51 21.87
N THR B 188 -6.38 -7.10 21.56
CA THR B 188 -5.26 -7.22 22.53
C THR B 188 -5.30 -6.09 23.59
N HIS B 189 -5.63 -4.88 23.15
CA HIS B 189 -5.81 -3.72 24.03
C HIS B 189 -6.99 -2.90 23.53
N LEU B 190 -7.87 -2.50 24.43
CA LEU B 190 -9.10 -1.78 24.07
C LEU B 190 -9.15 -0.43 24.79
N PHE B 191 -9.50 0.64 24.06
CA PHE B 191 -9.49 2.00 24.63
C PHE B 191 -10.83 2.74 24.44
N ASP B 192 -11.08 3.70 25.32
CA ASP B 192 -12.39 4.37 25.44
C ASP B 192 -12.55 5.64 24.59
N ARG B 193 -12.17 5.55 23.31
CA ARG B 193 -12.32 6.65 22.36
C ARG B 193 -11.49 7.88 22.74
N TYR B 197 -6.07 8.04 23.90
CA TYR B 197 -5.61 6.69 23.54
C TYR B 197 -4.26 6.74 22.81
N VAL B 198 -4.03 7.82 22.04
CA VAL B 198 -2.76 7.99 21.34
C VAL B 198 -1.60 7.73 22.32
N GLN B 199 -1.66 8.36 23.49
CA GLN B 199 -0.68 8.11 24.55
C GLN B 199 -0.72 6.65 25.02
N GLU B 200 -1.93 6.15 25.26
CA GLU B 200 -2.11 4.76 25.74
C GLU B 200 -1.54 3.75 24.76
N VAL B 201 -1.76 3.95 23.46
CA VAL B 201 -1.13 3.11 22.42
C VAL B 201 0.38 3.29 22.44
N LYS B 202 0.83 4.54 22.44
CA LYS B 202 2.26 4.81 22.47
C LYS B 202 2.98 4.18 23.68
N ARG B 203 2.28 4.07 24.82
CA ARG B 203 2.85 3.40 26.02
C ARG B 203 3.14 1.90 25.79
N ILE B 204 2.38 1.26 24.90
CA ILE B 204 2.60 -0.15 24.55
C ILE B 204 3.52 -0.29 23.31
N SER B 205 3.45 0.69 22.43
CA SER B 205 4.24 0.69 21.20
C SER B 205 4.65 2.11 20.87
N ALA B 206 5.85 2.49 21.30
CA ALA B 206 6.36 3.86 21.19
C ALA B 206 6.18 4.46 19.79
N GLU B 207 6.55 3.69 18.77
CA GLU B 207 6.47 4.17 17.38
C GLU B 207 5.04 4.18 16.79
N GLY B 208 4.10 3.51 17.43
CA GLY B 208 2.67 3.55 17.01
C GLY B 208 2.26 2.26 16.35
N VAL B 209 1.49 2.36 15.26
CA VAL B 209 0.97 1.16 14.57
C VAL B 209 1.32 1.10 13.06
N ASP B 210 1.30 -0.11 12.53
CA ASP B 210 1.56 -0.34 11.14
C ASP B 210 0.38 0.04 10.27
N ILE B 211 -0.85 -0.17 10.78
CA ILE B 211 -2.06 0.01 10.00
C ILE B 211 -3.13 0.64 10.84
N VAL B 212 -3.69 1.74 10.34
CA VAL B 212 -4.83 2.36 10.93
C VAL B 212 -6.01 2.28 9.98
N LEU B 213 -7.13 1.77 10.48
CA LEU B 213 -8.37 1.60 9.73
C LEU B 213 -9.45 2.51 10.34
N ASP B 214 -9.96 3.43 9.53
CA ASP B 214 -10.83 4.48 10.00
C ASP B 214 -12.11 4.60 9.15
N CYS B 215 -13.29 4.38 9.74
CA CYS B 215 -14.54 4.36 8.95
C CYS B 215 -15.15 5.76 8.75
N LEU B 216 -16.20 5.86 7.95
CA LEU B 216 -16.90 7.15 7.87
C LEU B 216 -17.31 7.60 9.27
N LEU B 225 -2.92 9.05 11.41
CA LEU B 225 -1.89 9.77 10.65
C LEU B 225 -0.63 9.88 11.49
N SER B 226 -0.72 10.63 12.58
CA SER B 226 0.34 10.71 13.57
C SER B 226 0.53 9.38 14.33
N LEU B 227 -0.43 8.46 14.22
CA LEU B 227 -0.32 7.16 14.88
C LEU B 227 0.52 6.12 14.09
N LEU B 228 0.79 6.38 12.82
CA LEU B 228 1.52 5.42 11.98
C LEU B 228 3.05 5.32 12.21
N LYS B 229 3.55 4.09 12.35
CA LYS B 229 4.95 3.82 12.18
C LYS B 229 5.41 4.23 10.75
N PRO B 230 6.73 4.30 10.51
CA PRO B 230 7.24 4.42 9.11
C PRO B 230 6.80 3.22 8.25
N LEU B 231 6.49 3.52 6.99
CA LEU B 231 5.91 2.60 6.02
C LEU B 231 4.50 2.18 6.39
N GLY B 232 3.88 2.85 7.37
CA GLY B 232 2.55 2.45 7.77
C GLY B 232 1.49 2.95 6.83
N THR B 233 0.28 2.42 7.01
CA THR B 233 -0.84 2.71 6.11
C THR B 233 -2.07 3.11 6.85
N TYR B 234 -2.64 4.22 6.43
CA TYR B 234 -3.91 4.68 6.91
C TYR B 234 -4.97 4.44 5.81
N ILE B 235 -6.08 3.80 6.16
CA ILE B 235 -7.10 3.45 5.21
C ILE B 235 -8.46 3.99 5.68
N LEU B 236 -9.06 4.83 4.86
CA LEU B 236 -10.40 5.35 5.08
C LEU B 236 -11.45 4.50 4.31
N TYR B 237 -12.44 3.97 5.03
CA TYR B 237 -13.47 3.17 4.42
C TYR B 237 -14.87 3.53 4.91
N GLY B 238 -15.88 2.89 4.33
CA GLY B 238 -17.30 3.25 4.51
C GLY B 238 -17.93 2.88 5.85
N ASN B 264 -1.56 16.26 2.10
CA ASN B 264 -0.30 16.96 1.89
C ASN B 264 0.81 15.99 1.48
N PRO B 265 0.89 15.66 0.19
CA PRO B 265 1.76 14.61 -0.37
C PRO B 265 3.26 14.66 0.00
N ILE B 266 3.79 15.86 0.24
CA ILE B 266 5.19 16.00 0.69
C ILE B 266 5.34 15.45 2.12
N LYS B 267 4.29 15.58 2.95
CA LYS B 267 4.26 14.91 4.28
C LYS B 267 4.38 13.37 4.16
N LEU B 268 3.73 12.79 3.16
CA LEU B 268 3.83 11.34 2.93
C LEU B 268 5.26 10.93 2.56
N TYR B 269 5.85 11.65 1.62
CA TYR B 269 7.25 11.50 1.24
C TYR B 269 8.18 11.61 2.46
N GLU B 270 8.05 12.71 3.20
CA GLU B 270 8.94 13.02 4.31
C GLU B 270 8.77 12.00 5.41
N GLU B 271 7.52 11.60 5.66
CA GLU B 271 7.25 10.69 6.76
C GLU B 271 7.16 9.20 6.35
N ASN B 272 7.32 8.90 5.06
CA ASN B 272 7.24 7.53 4.58
C ASN B 272 5.95 6.82 4.92
N LYS B 273 4.84 7.47 4.60
CA LYS B 273 3.54 6.94 4.89
C LYS B 273 2.65 6.76 3.63
N VAL B 274 1.61 5.96 3.82
CA VAL B 274 0.71 5.52 2.75
C VAL B 274 -0.72 5.82 3.17
N ILE B 275 -1.47 6.49 2.31
CA ILE B 275 -2.89 6.74 2.55
C ILE B 275 -3.73 6.15 1.43
N ALA B 276 -4.84 5.53 1.82
CA ALA B 276 -5.66 4.75 0.91
C ALA B 276 -7.13 4.92 1.29
N GLY B 277 -7.99 4.68 0.31
CA GLY B 277 -9.42 4.75 0.52
C GLY B 277 -10.03 3.51 -0.03
N PHE B 278 -11.12 3.05 0.59
CA PHE B 278 -11.73 1.81 0.18
C PHE B 278 -13.27 1.83 0.25
N SER B 279 -13.90 1.47 -0.87
CA SER B 279 -15.37 1.39 -1.01
C SER B 279 -15.65 0.09 -1.72
N LEU B 280 -16.10 -0.92 -0.97
CA LEU B 280 -16.37 -2.23 -1.57
C LEU B 280 -17.46 -2.17 -2.65
N LEU B 281 -18.48 -1.35 -2.42
CA LEU B 281 -19.58 -1.25 -3.41
C LEU B 281 -19.13 -0.74 -4.74
N ASN B 282 -18.29 0.31 -4.72
CA ASN B 282 -17.72 0.85 -5.96
C ASN B 282 -16.83 -0.12 -6.67
N LEU B 283 -16.06 -0.89 -5.90
CA LEU B 283 -15.16 -1.89 -6.49
C LEU B 283 -15.99 -2.90 -7.24
N LEU B 284 -17.12 -3.28 -6.64
CA LEU B 284 -18.02 -4.27 -7.21
C LEU B 284 -18.78 -3.78 -8.43
N PHE B 285 -19.45 -2.65 -8.27
CA PHE B 285 -20.52 -2.22 -9.16
C PHE B 285 -20.16 -1.12 -10.13
N LYS B 286 -19.02 -0.45 -9.89
CA LYS B 286 -18.53 0.62 -10.79
C LYS B 286 -17.18 0.28 -11.44
N GLN B 287 -16.31 -0.45 -10.74
CA GLN B 287 -14.93 -0.68 -11.21
C GLN B 287 -14.66 -2.09 -11.72
N GLY B 288 -15.63 -2.99 -11.63
CA GLY B 288 -15.54 -4.27 -12.35
C GLY B 288 -14.67 -5.35 -11.73
N ARG B 289 -14.48 -5.31 -10.41
CA ARG B 289 -13.53 -6.28 -9.83
C ARG B 289 -14.18 -7.47 -9.14
N ALA B 290 -15.30 -7.91 -9.70
CA ALA B 290 -15.98 -9.10 -9.19
C ALA B 290 -15.02 -10.28 -9.05
N GLY B 291 -14.16 -10.49 -10.07
CA GLY B 291 -13.23 -11.66 -10.12
C GLY B 291 -12.27 -11.72 -8.91
N LEU B 292 -11.64 -10.60 -8.63
CA LEU B 292 -10.85 -10.44 -7.42
C LEU B 292 -11.65 -10.78 -6.14
N ILE B 293 -12.82 -10.18 -6.00
CA ILE B 293 -13.64 -10.40 -4.83
C ILE B 293 -13.99 -11.86 -4.64
N ARG B 294 -14.19 -12.57 -5.73
CA ARG B 294 -14.48 -13.98 -5.65
C ARG B 294 -13.32 -14.74 -5.04
N GLY B 295 -12.10 -14.38 -5.47
CA GLY B 295 -10.91 -14.86 -4.83
C GLY B 295 -10.88 -14.63 -3.32
N VAL B 296 -11.20 -13.42 -2.90
CA VAL B 296 -11.29 -13.16 -1.48
C VAL B 296 -12.37 -14.04 -0.80
N VAL B 297 -13.56 -14.16 -1.42
CA VAL B 297 -14.66 -14.90 -0.77
C VAL B 297 -14.25 -16.38 -0.62
N GLU B 298 -13.53 -16.89 -1.59
CA GLU B 298 -13.10 -18.29 -1.51
C GLU B 298 -12.12 -18.51 -0.34
N LYS B 299 -11.17 -17.60 -0.17
CA LYS B 299 -10.31 -17.66 1.00
C LYS B 299 -11.10 -17.47 2.30
N LEU B 300 -12.04 -16.53 2.35
CA LEU B 300 -12.87 -16.35 3.57
C LEU B 300 -13.62 -17.67 3.89
N ILE B 301 -14.17 -18.34 2.89
CA ILE B 301 -14.91 -19.57 3.11
C ILE B 301 -13.99 -20.71 3.57
N GLY B 302 -12.78 -20.75 3.04
CA GLY B 302 -11.74 -21.70 3.56
C GLY B 302 -11.49 -21.49 5.04
N LEU B 303 -11.30 -20.23 5.47
CA LEU B 303 -11.09 -19.91 6.88
C LEU B 303 -12.31 -20.30 7.72
N TYR B 304 -13.51 -19.98 7.24
CA TYR B 304 -14.74 -20.36 7.94
C TYR B 304 -14.81 -21.89 8.16
N ASN B 305 -14.54 -22.63 7.11
CA ASN B 305 -14.56 -24.11 7.17
C ASN B 305 -13.52 -24.70 8.12
N GLN B 306 -12.38 -24.02 8.29
CA GLN B 306 -11.37 -24.40 9.29
C GLN B 306 -11.69 -23.83 10.67
N LYS B 307 -12.84 -23.17 10.81
CA LYS B 307 -13.33 -22.67 12.10
C LYS B 307 -12.46 -21.54 12.64
N LYS B 308 -11.76 -20.83 11.76
CA LYS B 308 -10.92 -19.71 12.17
C LYS B 308 -11.62 -18.35 12.14
N ILE B 309 -12.77 -18.25 11.47
CA ILE B 309 -13.57 -17.06 11.55
C ILE B 309 -15.06 -17.46 11.61
N LYS B 310 -15.90 -16.53 12.06
CA LYS B 310 -17.34 -16.79 12.23
C LYS B 310 -18.04 -15.47 12.41
N PRO B 311 -19.00 -15.16 11.51
CA PRO B 311 -19.81 -13.96 11.68
C PRO B 311 -20.69 -14.12 12.91
N VAL B 312 -20.88 -12.99 13.58
CA VAL B 312 -21.67 -12.88 14.79
C VAL B 312 -22.98 -12.13 14.53
N VAL B 313 -24.09 -12.85 14.48
CA VAL B 313 -25.41 -12.24 14.30
C VAL B 313 -26.07 -11.79 15.61
N ASP B 314 -26.47 -10.52 15.66
CA ASP B 314 -26.98 -9.95 16.91
C ASP B 314 -28.43 -10.30 17.22
N SER B 315 -29.27 -10.20 16.20
CA SER B 315 -30.73 -10.28 16.34
C SER B 315 -31.33 -10.38 14.93
N LEU B 316 -32.52 -10.96 14.83
CA LEU B 316 -33.24 -11.19 13.59
C LEU B 316 -34.53 -10.40 13.59
N TRP B 317 -34.75 -9.62 12.51
CA TRP B 317 -35.82 -8.66 12.43
C TRP B 317 -36.73 -8.91 11.24
N ALA B 318 -38.03 -8.77 11.48
CA ALA B 318 -39.03 -8.92 10.44
C ALA B 318 -38.93 -7.77 9.45
N LEU B 319 -39.45 -7.98 8.24
CA LEU B 319 -39.60 -6.86 7.30
C LEU B 319 -40.41 -5.66 7.88
N GLU B 320 -41.39 -5.96 8.72
CA GLU B 320 -42.18 -4.91 9.38
C GLU B 320 -41.37 -4.17 10.43
N GLU B 321 -40.24 -4.73 10.83
CA GLU B 321 -39.48 -4.20 11.96
C GLU B 321 -38.24 -3.42 11.53
N VAL B 322 -38.15 -3.03 10.26
CA VAL B 322 -36.94 -2.35 9.79
C VAL B 322 -36.64 -1.02 10.49
N LYS B 323 -37.68 -0.24 10.82
CA LYS B 323 -37.49 1.04 11.49
C LYS B 323 -36.82 0.79 12.85
N GLU B 324 -37.34 -0.19 13.56
CA GLU B 324 -36.82 -0.53 14.88
C GLU B 324 -35.39 -1.00 14.78
N ALA B 325 -35.05 -1.78 13.74
CA ALA B 325 -33.67 -2.24 13.57
C ALA B 325 -32.70 -1.08 13.31
N MET B 326 -33.07 -0.19 12.38
CA MET B 326 -32.27 0.98 12.08
C MET B 326 -32.04 1.83 13.33
N GLN B 327 -33.08 1.96 14.14
CA GLN B 327 -33.02 2.75 15.35
C GLN B 327 -31.98 2.16 16.26
N ARG B 328 -31.99 0.84 16.39
CA ARG B 328 -31.04 0.17 17.24
CA ARG B 328 -31.02 0.13 17.21
C ARG B 328 -29.60 0.43 16.79
N ILE B 329 -29.36 0.44 15.48
CA ILE B 329 -28.04 0.76 14.96
C ILE B 329 -27.66 2.21 15.27
N HIS B 330 -28.60 3.14 15.06
CA HIS B 330 -28.38 4.54 15.43
C HIS B 330 -28.00 4.67 16.92
N ASP B 331 -28.73 3.95 17.77
CA ASP B 331 -28.51 3.96 19.22
C ASP B 331 -27.31 3.12 19.67
N ARG B 332 -26.59 2.53 18.72
CA ARG B 332 -25.40 1.72 18.99
C ARG B 332 -25.64 0.62 20.04
N GLY B 333 -26.85 0.07 20.06
CA GLY B 333 -27.28 -0.92 21.05
C GLY B 333 -27.03 -2.38 20.71
N ASN B 334 -26.53 -2.65 19.50
CA ASN B 334 -26.22 -4.00 19.05
C ASN B 334 -24.79 -4.43 19.38
N ILE B 335 -24.61 -5.71 19.66
CA ILE B 335 -23.28 -6.28 19.83
C ILE B 335 -22.82 -6.83 18.47
N GLY B 336 -23.66 -7.63 17.81
CA GLY B 336 -23.33 -8.22 16.50
C GLY B 336 -24.04 -7.54 15.33
N LYS B 337 -24.16 -8.25 14.21
CA LYS B 337 -24.73 -7.72 12.96
C LYS B 337 -26.23 -7.78 13.06
N LEU B 338 -26.97 -6.76 12.59
CA LEU B 338 -28.44 -6.90 12.52
C LEU B 338 -28.81 -7.55 11.17
N ILE B 339 -29.74 -8.51 11.21
CA ILE B 339 -30.13 -9.25 10.04
C ILE B 339 -31.63 -9.22 9.89
N LEU B 340 -32.08 -8.97 8.67
CA LEU B 340 -33.52 -8.97 8.37
C LEU B 340 -33.86 -10.39 8.02
N ASP B 341 -34.79 -10.98 8.74
CA ASP B 341 -35.27 -12.32 8.47
C ASP B 341 -36.56 -12.22 7.67
N VAL B 342 -36.49 -12.51 6.39
CA VAL B 342 -37.60 -12.22 5.48
C VAL B 342 -38.91 -12.97 5.81
N GLU B 343 -38.81 -14.20 6.29
CA GLU B 343 -39.97 -15.01 6.62
C GLU B 343 -40.44 -14.86 8.09
N LYS B 344 -39.79 -14.00 8.88
CA LYS B 344 -40.22 -13.78 10.29
C LYS B 344 -41.53 -12.99 10.30
N THR B 345 -42.47 -13.46 11.11
CA THR B 345 -43.62 -12.65 11.50
C THR B 345 -43.26 -11.74 12.71
N PRO B 346 -43.70 -10.47 12.70
CA PRO B 346 -43.39 -9.54 13.80
C PRO B 346 -43.95 -9.93 15.19
C1 EDO C . -0.95 -2.81 -5.89
O1 EDO C . -1.58 -1.54 -5.61
C2 EDO C . 0.34 -2.92 -5.11
O2 EDO C . 0.36 -4.07 -4.24
C1 EDO D . 43.63 5.96 -3.07
O1 EDO D . 42.54 5.18 -2.55
C2 EDO D . 43.44 7.47 -2.84
O2 EDO D . 43.12 7.72 -1.45
C1 EDO E . 21.26 -4.72 11.76
O1 EDO E . 21.83 -3.93 10.70
C2 EDO E . 20.50 -3.60 12.39
O2 EDO E . 20.91 -2.66 11.39
C1 EDO F . 15.58 9.14 -17.26
O1 EDO F . 15.23 8.35 -18.43
C2 EDO F . 17.10 9.41 -17.13
O2 EDO F . 17.41 10.30 -16.05
C1 EDO G . 1.40 -2.37 6.05
O1 EDO G . 1.51 -2.93 4.75
C2 EDO G . 2.26 -1.14 6.18
O2 EDO G . 1.69 -0.02 5.45
C1 EDO H . -35.25 -12.16 -21.26
O1 EDO H . -35.31 -12.30 -22.68
C2 EDO H . -33.79 -12.18 -20.80
O2 EDO H . -33.07 -13.25 -21.45
C1 EDO I . -33.56 -17.95 8.35
O1 EDO I . -34.76 -18.19 7.60
C2 EDO I . -33.26 -16.45 8.49
O2 EDO I . -33.29 -16.09 9.89
C1 EDO J . -4.41 -15.01 4.67
O1 EDO J . -5.46 -15.91 4.30
C2 EDO J . -4.46 -14.70 6.16
O2 EDO J . -4.53 -15.93 6.88
C1 EDO K . -42.59 -0.37 7.64
O1 EDO K . -43.64 -1.36 7.53
C2 EDO K . -41.28 -0.90 7.07
O2 EDO K . -40.69 -1.87 7.96
#